data_8R6G
#
_entry.id   8R6G
#
_entity_poly.entity_id   1
_entity_poly.type   'polydeoxyribonucleotide'
_entity_poly.pdbx_seq_one_letter_code
;(DG)(DG)(DG)(DC)(DG)(DC)(DG)(DA)(DA)(DG)(DC)(DA)(DT)(DT)(DC)(DG)(DC)(DG)(DG)(DG)
(DG)(DT)(DT)(DA)(DG)(DG)(DG)(DT)(DT)(A1H3G)(DG)(BGM)(DG)
;
_entity_poly.pdbx_strand_id   A
#
loop_
_chem_comp.id
_chem_comp.type
_chem_comp.name
_chem_comp.formula
A1H3G DNA linking '2'-DEOXYADENOSINE-5'-MONOPHOSPHATE (protonated at N1)' 'C10 H15 N5 O6 P 1'
BGM DNA linking 8-BROMO-2'-DEOXYGUANOSINE-5'-MONOPHOSPHATE 'C10 H13 Br N5 O7 P'
DA DNA linking 2'-DEOXYADENOSINE-5'-MONOPHOSPHATE 'C10 H14 N5 O6 P'
DC DNA linking 2'-DEOXYCYTIDINE-5'-MONOPHOSPHATE 'C9 H14 N3 O7 P'
DG DNA linking 2'-DEOXYGUANOSINE-5'-MONOPHOSPHATE 'C10 H14 N5 O7 P'
DT DNA linking THYMIDINE-5'-MONOPHOSPHATE 'C10 H15 N2 O8 P'
#
# COMPACT_ATOMS: atom_id res chain seq x y z
N1 A1H3G A 30 -3.85 5.13 0.88
N3 A1H3G A 30 -2.11 4.05 2.19
C6 A1H3G A 30 -4.50 3.95 0.61
C5 A1H3G A 30 -3.91 2.75 1.11
C4 A1H3G A 30 -2.77 2.89 1.87
C8 A1H3G A 30 -3.35 0.79 1.70
P A1H3G A 30 -3.24 -2.45 5.63
OP1 A1H3G A 30 -2.63 -3.77 5.85
O5' A1H3G A 30 -2.07 -1.34 5.58
O3' A1H3G A 30 1.06 1.58 4.98
C2 A1H3G A 30 -2.70 5.12 1.65
N7 A1H3G A 30 -4.27 1.41 1.01
N9 A1H3G A 30 -2.40 1.62 2.24
N6 A1H3G A 30 -5.64 4.06 -0.09
C1' A1H3G A 30 -1.19 1.28 3.02
O4' A1H3G A 30 -1.00 -0.12 3.08
C4' A1H3G A 30 -0.22 -0.40 4.24
C3' A1H3G A 30 -0.18 0.88 5.10
C2' A1H3G A 30 -1.29 1.71 4.48
C5' A1H3G A 30 -0.81 -1.62 4.98
OP2 A1H3G A 30 -4.29 -1.96 6.55
H1 A1H3G A 30 -4.21 6.00 0.50
H8 A1H3G A 30 -3.32 -0.29 1.84
H2 A1H3G A 30 -2.22 6.07 1.83
H62 A1H3G A 30 -6.02 4.97 -0.34
H61 A1H3G A 30 -6.18 3.22 -0.32
H1' A1H3G A 30 -0.31 1.75 2.59
H4' A1H3G A 30 0.79 -0.66 3.93
H3' A1H3G A 30 -0.41 0.66 6.16
H2' A1H3G A 30 -2.26 1.42 4.90
H2'' A1H3G A 30 -1.12 2.78 4.60
H5'' A1H3G A 30 -0.11 -1.95 5.75
H5' A1H3G A 30 -0.92 -2.43 4.24
P BGM A 32 5.81 -3.03 0.06
OP2 BGM A 32 6.79 -1.95 -0.22
O5' BGM A 32 4.75 -3.10 -1.16
C5' BGM A 32 3.77 -4.13 -1.23
C4' BGM A 32 2.94 -4.06 -2.52
O4' BGM A 32 2.09 -2.91 -2.57
C1' BGM A 32 1.91 -2.65 -3.95
N9 BGM A 32 1.27 -1.35 -4.29
C8 BGM A 32 0.12 -1.13 -5.01
N7 BGM A 32 -0.25 0.12 -5.08
C5 BGM A 32 0.70 0.79 -4.30
C4 BGM A 32 1.66 -0.10 -3.83
N3 BGM A 32 2.73 0.24 -3.05
C2 BGM A 32 2.80 1.54 -2.75
N2 BGM A 32 3.78 1.93 -1.99
N1 BGM A 32 1.89 2.47 -3.15
C6 BGM A 32 0.80 2.17 -3.95
O6 BGM A 32 0.02 3.07 -4.25
C2' BGM A 32 3.29 -2.83 -4.55
C3' BGM A 32 3.80 -4.05 -3.79
O3' BGM A 32 3.59 -5.27 -4.50
BR BGM A 32 -0.90 -2.47 -5.87
H5' BGM A 32 3.10 -4.06 -0.37
H5'' BGM A 32 4.26 -5.11 -1.20
H4' BGM A 32 2.30 -4.94 -2.55
H1' BGM A 32 1.28 -3.45 -4.35
H21 BGM A 32 3.86 2.89 -1.68
H22 BGM A 32 4.46 1.25 -1.71
H1 BGM A 32 2.00 3.44 -2.88
H2' BGM A 32 3.22 -3.00 -5.62
H2'' BGM A 32 3.92 -1.96 -4.34
H3' BGM A 32 4.85 -3.92 -3.55
N1 A1H3G A 30 -3.47 4.76 1.17
N3 A1H3G A 30 -1.64 3.57 2.23
C6 A1H3G A 30 -4.15 3.61 0.84
C5 A1H3G A 30 -3.52 2.38 1.16
C4 A1H3G A 30 -2.32 2.44 1.84
C8 A1H3G A 30 -2.91 0.36 1.50
P A1H3G A 30 -2.51 -3.06 5.34
OP1 A1H3G A 30 -1.97 -4.43 5.39
O5' A1H3G A 30 -1.30 -2.00 5.26
O3' A1H3G A 30 1.74 0.91 4.51
C2 A1H3G A 30 -2.26 4.68 1.85
N7 A1H3G A 30 -3.87 1.04 0.94
N9 A1H3G A 30 -1.93 1.14 2.06
N6 A1H3G A 30 -5.34 3.79 0.26
C1' A1H3G A 30 -0.67 0.72 2.73
O4' A1H3G A 30 -0.52 -0.68 2.72
C4' A1H3G A 30 0.38 -1.03 3.77
C3' A1H3G A 30 0.51 0.21 4.70
C2' A1H3G A 30 -0.65 1.08 4.21
C5' A1H3G A 30 -0.13 -2.28 4.49
OP2 A1H3G A 30 -3.43 -2.61 6.42
H1 A1H3G A 30 -3.85 5.67 0.91
H8 A1H3G A 30 -2.86 -0.73 1.52
H2 A1H3G A 30 -1.77 5.61 2.09
H62 A1H3G A 30 -5.89 2.98 -0.03
H61 A1H3G A 30 -5.72 4.72 0.11
H1' A1H3G A 30 0.19 1.18 2.26
H4' A1H3G A 30 1.35 -1.25 3.34
H3' A1H3G A 30 0.38 -0.06 5.75
H2' A1H3G A 30 -1.57 0.78 4.70
H2'' A1H3G A 30 -0.44 2.14 4.38
H5'' A1H3G A 30 0.66 -2.66 5.16
H5' A1H3G A 30 -0.33 -3.03 3.74
P BGM A 32 6.10 -3.43 -0.97
OP2 BGM A 32 7.10 -2.37 -1.25
O5' BGM A 32 4.97 -3.40 -2.12
C5' BGM A 32 3.96 -4.39 -2.17
C4' BGM A 32 3.02 -4.20 -3.38
O4' BGM A 32 2.19 -3.04 -3.28
C1' BGM A 32 1.90 -2.68 -4.61
N9 BGM A 32 1.25 -1.36 -4.80
C8 BGM A 32 0.04 -1.10 -5.41
N7 BGM A 32 -0.32 0.15 -5.38
C5 BGM A 32 0.69 0.77 -4.65
C4 BGM A 32 1.68 -0.13 -4.31
N3 BGM A 32 2.81 0.15 -3.59
C2 BGM A 32 2.90 1.42 -3.22
N2 BGM A 32 3.95 1.78 -2.52
N1 BGM A 32 1.97 2.38 -3.49
C6 BGM A 32 0.82 2.14 -4.21
O6 BGM A 32 0.03 3.06 -4.39
C2' BGM A 32 3.23 -2.83 -5.34
C3' BGM A 32 3.78 -4.11 -4.72
O3' BGM A 32 3.49 -5.27 -5.50
BR BGM A 32 -1.05 -2.37 -6.28
H5' BGM A 32 3.37 -4.39 -1.26
H5'' BGM A 32 4.42 -5.38 -2.27
H4' BGM A 32 2.37 -5.07 -3.43
H1' BGM A 32 1.24 -3.45 -5.02
H21 BGM A 32 4.05 2.72 -2.14
H22 BGM A 32 4.66 1.08 -2.34
H1 BGM A 32 2.12 3.33 -3.18
H2' BGM A 32 3.07 -2.91 -6.41
H2'' BGM A 32 3.89 -1.98 -5.11
H3' BGM A 32 4.86 -4.01 -4.56
N1 A1H3G A 30 -3.74 5.34 1.11
N3 A1H3G A 30 -2.03 4.24 2.43
C6 A1H3G A 30 -4.44 4.17 0.88
C5 A1H3G A 30 -3.89 2.97 1.41
C4 A1H3G A 30 -2.73 3.09 2.15
C8 A1H3G A 30 -3.37 1.01 2.05
P A1H3G A 30 -3.40 -2.10 5.95
OP1 A1H3G A 30 -2.86 -3.46 6.20
O5' A1H3G A 30 -2.18 -1.05 5.88
O3' A1H3G A 30 1.09 1.70 5.25
C2 A1H3G A 30 -2.59 5.31 1.88
N7 A1H3G A 30 -4.29 1.63 1.35
N9 A1H3G A 30 -2.39 1.82 2.55
N6 A1H3G A 30 -5.59 4.30 0.21
C1' A1H3G A 30 -1.18 1.46 3.33
O4' A1H3G A 30 -1.01 0.05 3.39
C4' A1H3G A 30 -0.27 -0.25 4.55
C3' A1H3G A 30 -0.16 1.03 5.40
C2' A1H3G A 30 -1.25 1.89 4.78
C5' A1H3G A 30 -0.93 -1.43 5.29
OP2 A1H3G A 30 -4.42 -1.56 6.89
H1 A1H3G A 30 -4.08 6.21 0.71
H8 A1H3G A 30 -3.38 -0.07 2.22
H2 A1H3G A 30 -2.09 6.26 2.03
H62 A1H3G A 30 -5.94 5.22 -0.09
H61 A1H3G A 30 -6.17 3.48 0.03
H1' A1H3G A 30 -0.29 1.90 2.88
H4' A1H3G A 30 0.73 -0.57 4.27
H3' A1H3G A 30 -0.38 0.84 6.46
H2' A1H3G A 30 -2.23 1.64 5.21
H2'' A1H3G A 30 -1.06 2.96 4.90
H5'' A1H3G A 30 -0.27 -1.78 6.08
H5' A1H3G A 30 -1.07 -2.23 4.57
P BGM A 32 4.47 -3.83 1.26
OP2 BGM A 32 5.56 -4.83 1.09
O5' BGM A 32 3.75 -3.66 -0.18
C5' BGM A 32 2.73 -4.56 -0.58
C4' BGM A 32 2.22 -4.27 -2.01
O4' BGM A 32 1.48 -3.05 -2.11
C1' BGM A 32 1.55 -2.72 -3.49
N9 BGM A 32 0.95 -1.41 -3.85
C8 BGM A 32 -0.18 -1.20 -4.60
N7 BGM A 32 -0.52 0.05 -4.75
C5 BGM A 32 0.45 0.74 -4.02
C4 BGM A 32 1.38 -0.14 -3.48
N3 BGM A 32 2.46 0.22 -2.73
C2 BGM A 32 2.57 1.53 -2.53
N2 BGM A 32 3.59 1.96 -1.82
N1 BGM A 32 1.68 2.46 -2.99
C6 BGM A 32 0.58 2.14 -3.76
O6 BGM A 32 -0.17 3.05 -4.12
C2' BGM A 32 3.03 -2.90 -3.81
C3' BGM A 32 3.32 -4.22 -3.08
O3' BGM A 32 3.18 -5.37 -3.91
BR BGM A 32 -1.27 -2.55 -5.35
H5' BGM A 32 1.89 -4.48 0.10
H5'' BGM A 32 3.11 -5.58 -0.56
H4' BGM A 32 1.54 -5.08 -2.27
H1' BGM A 32 1.02 -3.49 -4.04
H21 BGM A 32 3.70 2.94 -1.58
H22 BGM A 32 4.25 1.28 -1.50
H1 BGM A 32 1.82 3.44 -2.78
H2' BGM A 32 3.19 -2.96 -4.88
H2'' BGM A 32 3.62 -2.09 -3.37
H3' BGM A 32 4.32 -4.18 -2.62
N1 A1H3G A 30 -3.50 5.25 1.10
N3 A1H3G A 30 -1.73 4.04 2.25
C6 A1H3G A 30 -4.27 4.12 0.92
C5 A1H3G A 30 -3.72 2.89 1.37
C4 A1H3G A 30 -2.50 2.93 1.99
C8 A1H3G A 30 -3.26 0.89 1.94
P A1H3G A 30 -3.40 -2.82 4.75
OP1 A1H3G A 30 -2.92 -3.01 6.14
O5' A1H3G A 30 -2.39 -1.82 4.00
O3' A1H3G A 30 1.21 0.68 4.94
C2 A1H3G A 30 -2.28 5.14 1.76
N7 A1H3G A 30 -4.21 1.58 1.34
N9 A1H3G A 30 -2.18 1.64 2.33
N6 A1H3G A 30 -5.47 4.31 0.34
C1' A1H3G A 30 -0.95 1.16 2.98
O4' A1H3G A 30 -0.63 -0.14 2.53
C4' A1H3G A 30 -0.13 -0.90 3.62
C3' A1H3G A 30 -0.06 0.03 4.84
C2' A1H3G A 30 -1.12 1.07 4.49
C5' A1H3G A 30 -1.02 -2.14 3.85
OP2 A1H3G A 30 -4.78 -2.32 4.54
H1 A1H3G A 30 -3.82 6.14 0.75
H8 A1H3G A 30 -3.31 -0.19 2.09
H2 A1H3G A 30 -1.72 6.05 1.89
H62 A1H3G A 30 -5.79 5.24 0.09
H61 A1H3G A 30 -6.06 3.51 0.14
H1' A1H3G A 30 -0.12 1.83 2.77
H4' A1H3G A 30 0.87 -1.26 3.39
H3' A1H3G A 30 -0.31 -0.49 5.76
H2' A1H3G A 30 -2.10 0.69 4.76
H2'' A1H3G A 30 -0.92 2.03 4.98
H5'' A1H3G A 30 -0.65 -2.64 4.76
H5' A1H3G A 30 -0.89 -2.83 3.02
P BGM A 32 5.70 -3.34 -0.76
OP2 BGM A 32 6.64 -2.24 -1.06
O5' BGM A 32 4.51 -3.34 -1.86
C5' BGM A 32 3.53 -4.37 -1.91
C4' BGM A 32 2.64 -4.29 -3.16
O4' BGM A 32 1.75 -3.18 -3.13
C1' BGM A 32 1.55 -2.82 -4.50
N9 BGM A 32 0.93 -1.49 -4.70
C8 BGM A 32 -0.26 -1.19 -5.32
N7 BGM A 32 -0.60 0.08 -5.28
C5 BGM A 32 0.43 0.67 -4.55
C4 BGM A 32 1.38 -0.27 -4.21
N3 BGM A 32 2.53 -0.02 -3.51
C2 BGM A 32 2.67 1.25 -3.15
N2 BGM A 32 3.73 1.58 -2.45
N1 BGM A 32 1.77 2.24 -3.43
C6 BGM A 32 0.60 2.02 -4.14
O6 BGM A 32 -0.16 2.97 -4.34
C2' BGM A 32 2.93 -2.94 -5.13
C3' BGM A 32 3.47 -4.22 -4.47
O3' BGM A 32 3.21 -5.40 -5.22
BR BGM A 32 -1.40 -2.42 -6.20
H5' BGM A 32 2.91 -4.33 -1.01
H5'' BGM A 32 4.04 -5.34 -1.92
H4' BGM A 32 2.04 -5.20 -3.19
H1' BGM A 32 0.92 -3.57 -4.97
H21 BGM A 32 3.86 2.52 -2.09
H22 BGM A 32 4.40 0.86 -2.26
H1 BGM A 32 1.94 3.19 -3.13
H2' BGM A 32 2.86 -3.03 -6.21
H2'' BGM A 32 3.57 -2.10 -4.86
H3' BGM A 32 4.53 -4.11 -4.26
N1 A1H3G A 30 -3.54 5.18 1.04
N3 A1H3G A 30 -1.82 4.01 2.29
C6 A1H3G A 30 -4.24 4.03 0.76
C5 A1H3G A 30 -3.65 2.80 1.18
C4 A1H3G A 30 -2.49 2.88 1.92
C8 A1H3G A 30 -3.12 0.81 1.67
P A1H3G A 30 -3.56 -2.85 4.73
OP1 A1H3G A 30 -3.12 -3.03 6.13
O5' A1H3G A 30 -2.52 -1.86 4.00
O3' A1H3G A 30 1.08 0.64 5.05
C2 A1H3G A 30 -2.39 5.11 1.80
N7 A1H3G A 30 -4.05 1.47 1.03
N9 A1H3G A 30 -2.13 1.58 2.22
N6 A1H3G A 30 -5.41 4.17 0.12
C1' A1H3G A 30 -0.95 1.12 2.96
O4' A1H3G A 30 -0.64 -0.21 2.57
C4' A1H3G A 30 -0.23 -0.95 3.71
C3' A1H3G A 30 -0.19 0.02 4.90
C2' A1H3G A 30 -1.21 1.07 4.47
C5' A1H3G A 30 -1.13 -2.18 3.92
OP2 A1H3G A 30 -4.93 -2.34 4.48
H1 A1H3G A 30 -3.89 6.07 0.69
H8 A1H3G A 30 -3.12 -0.27 1.76
H2 A1H3G A 30 -1.89 6.04 2.01
H62 A1H3G A 30 -5.81 5.09 -0.04
H61 A1H3G A 30 -5.99 3.35 -0.05
H1' A1H3G A 30 -0.09 1.77 2.78
H4' A1H3G A 30 0.77 -1.34 3.54
H3' A1H3G A 30 -0.51 -0.47 5.82
H2' A1H3G A 30 -2.22 0.72 4.68
H2'' A1H3G A 30 -1.02 2.03 4.95
H5'' A1H3G A 30 -0.82 -2.67 4.84
H5' A1H3G A 30 -0.98 -2.88 3.09
P BGM A 32 5.66 -3.31 -0.58
OP2 BGM A 32 6.60 -2.20 -0.87
O5' BGM A 32 4.48 -3.30 -1.69
C5' BGM A 32 3.48 -4.31 -1.73
C4' BGM A 32 2.60 -4.23 -2.99
O4' BGM A 32 1.73 -3.10 -2.98
C1' BGM A 32 1.56 -2.73 -4.35
N9 BGM A 32 0.96 -1.39 -4.59
C8 BGM A 32 -0.21 -1.11 -5.25
N7 BGM A 32 -0.55 0.15 -5.25
C5 BGM A 32 0.45 0.75 -4.49
C4 BGM A 32 1.40 -0.17 -4.10
N3 BGM A 32 2.52 0.10 -3.36
C2 BGM A 32 2.63 1.39 -3.02
N2 BGM A 32 3.66 1.74 -2.28
N1 BGM A 32 1.73 2.36 -3.35
C6 BGM A 32 0.59 2.12 -4.10
O6 BGM A 32 -0.16 3.06 -4.33
C2' BGM A 32 2.96 -2.90 -4.95
C3' BGM A 32 3.43 -4.18 -4.28
O3' BGM A 32 3.14 -5.35 -5.05
BR BGM A 32 -1.30 -2.35 -6.18
H5' BGM A 32 2.85 -4.26 -0.83
H5'' BGM A 32 3.97 -5.28 -1.73
H4' BGM A 32 1.98 -5.13 -3.01
H1' BGM A 32 0.94 -3.49 -4.82
H21 BGM A 32 3.77 2.69 -1.95
H22 BGM A 32 4.33 1.03 -2.05
H1 BGM A 32 1.87 3.31 -3.05
H2' BGM A 32 2.90 -2.98 -6.03
H2'' BGM A 32 3.61 -2.06 -4.66
H3' BGM A 32 4.50 -4.13 -4.06
N1 A1H3G A 30 -3.72 5.67 0.93
N3 A1H3G A 30 -1.99 4.57 2.24
C6 A1H3G A 30 -4.45 4.51 0.76
C5 A1H3G A 30 -3.89 3.32 1.30
C4 A1H3G A 30 -2.71 3.44 2.00
C8 A1H3G A 30 -3.42 1.37 1.99
P A1H3G A 30 -3.83 -1.99 5.24
OP1 A1H3G A 30 -3.44 -2.03 6.67
O5' A1H3G A 30 -2.76 -1.08 4.46
O3' A1H3G A 30 0.86 1.48 5.29
C2 A1H3G A 30 -2.55 5.62 1.67
N7 A1H3G A 30 -4.33 1.99 1.30
N9 A1H3G A 30 -2.39 2.17 2.42
N6 A1H3G A 30 -5.62 4.61 0.12
C1' A1H3G A 30 -1.19 1.76 3.19
O4' A1H3G A 30 -0.88 0.41 2.90
C4' A1H3G A 30 -0.47 -0.24 4.11
C3' A1H3G A 30 -0.42 0.84 5.21
C2' A1H3G A 30 -1.44 1.85 4.69
C5' A1H3G A 30 -1.39 -1.42 4.43
OP2 A1H3G A 30 -5.19 -1.49 4.90
H1 A1H3G A 30 -4.05 6.53 0.52
H8 A1H3G A 30 -3.44 0.31 2.20
H2 A1H3G A 30 -2.01 6.56 1.77
H62 A1H3G A 30 -5.99 5.52 -0.14
H61 A1H3G A 30 -6.19 3.79 -0.04
H1' A1H3G A 30 -0.35 2.39 2.93
H4' A1H3G A 30 0.54 -0.64 3.97
H3' A1H3G A 30 -0.73 0.45 6.17
H2' A1H3G A 30 -2.45 1.52 4.95
H2'' A1H3G A 30 -1.25 2.86 5.07
H5'' A1H3G A 30 -1.09 -1.81 5.41
H5' A1H3G A 30 -1.22 -2.21 3.70
P BGM A 32 5.38 -3.10 0.11
OP2 BGM A 32 6.37 -2.06 -0.27
O5' BGM A 32 4.22 -3.15 -1.02
C5' BGM A 32 3.22 -4.16 -1.02
C4' BGM A 32 2.36 -4.14 -2.28
O4' BGM A 32 1.51 -3.00 -2.36
C1' BGM A 32 1.35 -2.73 -3.74
N9 BGM A 32 0.77 -1.39 -4.05
C8 BGM A 32 -0.40 -1.11 -4.73
N7 BGM A 32 -0.69 0.16 -4.80
C5 BGM A 32 0.35 0.77 -4.11
C4 BGM A 32 1.26 -0.15 -3.66
N3 BGM A 32 2.40 0.12 -2.95
C2 BGM A 32 2.57 1.43 -2.71
N2 BGM A 32 3.62 1.78 -2.02
N1 BGM A 32 1.71 2.41 -3.09
C6 BGM A 32 0.54 2.16 -3.80
O6 BGM A 32 -0.18 3.11 -4.09
C2' BGM A 32 2.73 -2.96 -4.34
C3' BGM A 32 3.20 -4.19 -3.58
O3' BGM A 32 2.90 -5.41 -4.26
BR BGM A 32 -1.56 -2.38 -5.52
H5' BGM A 32 2.58 -4.05 -0.14
H5'' BGM A 32 3.69 -5.14 -0.96
H4' BGM A 32 1.73 -5.03 -2.26
H1' BGM A 32 0.69 -3.50 -4.16
H21 BGM A 32 3.79 2.74 -1.75
H22 BGM A 32 4.28 1.06 -1.75
H1 BGM A 32 1.90 3.37 -2.86
H2' BGM A 32 2.66 -3.12 -5.41
H2'' BGM A 32 3.39 -2.12 -4.12
H3' BGM A 32 4.27 -4.12 -3.36
N1 A1H3G A 30 -3.74 4.98 0.84
N3 A1H3G A 30 -1.99 3.87 2.12
C6 A1H3G A 30 -4.36 3.80 0.52
C5 A1H3G A 30 -3.75 2.59 0.96
C4 A1H3G A 30 -2.61 2.72 1.73
C8 A1H3G A 30 -3.15 0.61 1.45
P A1H3G A 30 -2.95 -2.71 5.38
OP1 A1H3G A 30 -2.35 -4.07 5.51
O5' A1H3G A 30 -1.77 -1.63 5.35
O3' A1H3G A 30 1.27 1.34 4.75
C2 A1H3G A 30 -2.60 4.95 1.63
N7 A1H3G A 30 -4.09 1.25 0.80
N9 A1H3G A 30 -2.22 1.44 2.04
N6 A1H3G A 30 -5.50 3.92 -0.16
C1' A1H3G A 30 -1.00 1.06 2.80
O4' A1H3G A 30 -0.83 -0.34 2.85
C4' A1H3G A 30 -0.01 -0.63 3.98
C3' A1H3G A 30 0.03 0.63 4.86
C2' A1H3G A 30 -1.09 1.47 4.27
C5' A1H3G A 30 -0.54 -1.88 4.69
OP2 A1H3G A 30 -3.96 -2.28 6.38
H1 A1H3G A 30 -4.10 5.86 0.49
H8 A1H3G A 30 -3.10 -0.47 1.53
H2 A1H3G A 30 -2.14 5.91 1.86
H62 A1H3G A 30 -6.05 3.10 -0.41
H61 A1H3G A 30 -5.90 4.83 -0.38
H1' A1H3G A 30 -0.12 1.52 2.37
H4' A1H3G A 30 0.99 -0.85 3.62
H3' A1H3G A 30 -0.18 0.39 5.91
H2' A1H3G A 30 -2.05 1.16 4.69
H2'' A1H3G A 30 -0.92 2.53 4.41
H5'' A1H3G A 30 0.19 -2.23 5.42
H5' A1H3G A 30 -0.67 -2.66 3.94
P BGM A 32 6.07 -3.16 -0.23
OP2 BGM A 32 7.04 -2.07 -0.50
O5' BGM A 32 5.03 -3.23 -1.47
C5' BGM A 32 4.05 -4.25 -1.56
C4' BGM A 32 3.23 -4.16 -2.84
O4' BGM A 32 2.36 -3.03 -2.86
C1' BGM A 32 2.17 -2.74 -4.23
N9 BGM A 32 1.49 -1.45 -4.53
C8 BGM A 32 0.32 -1.26 -5.23
N7 BGM A 32 -0.08 -0.02 -5.28
C5 BGM A 32 0.86 0.67 -4.53
C4 BGM A 32 1.85 -0.19 -4.08
N3 BGM A 32 2.92 0.16 -3.30
C2 BGM A 32 2.96 1.46 -2.99
N2 BGM A 32 3.94 1.88 -2.23
N1 BGM A 32 2.02 2.37 -3.38
C6 BGM A 32 0.93 2.05 -4.16
O6 BGM A 32 0.13 2.95 -4.45
C2' BGM A 32 3.55 -2.85 -4.83
C3' BGM A 32 4.09 -4.10 -4.11
O3' BGM A 32 3.91 -5.30 -4.86
BR BGM A 32 -0.70 -2.61 -6.07
H5' BGM A 32 3.39 -4.21 -0.69
H5'' BGM A 32 4.55 -5.23 -1.55
H4' BGM A 32 2.61 -5.06 -2.90
H1' BGM A 32 1.56 -3.54 -4.66
H21 BGM A 32 3.99 2.85 -1.91
H22 BGM A 32 4.64 1.22 -1.95
H1 BGM A 32 2.11 3.34 -3.09
H2' BGM A 32 3.50 -3.00 -5.91
H2'' BGM A 32 4.16 -1.99 -4.58
H3' BGM A 32 5.15 -3.95 -3.87
N1 A1H3G A 30 -3.99 5.73 0.93
N3 A1H3G A 30 -2.33 4.60 2.31
C6 A1H3G A 30 -4.72 4.58 0.71
C5 A1H3G A 30 -4.19 3.38 1.25
C4 A1H3G A 30 -3.04 3.48 2.01
C8 A1H3G A 30 -3.75 1.40 1.92
P A1H3G A 30 -4.26 -2.06 5.26
OP1 A1H3G A 30 -3.87 -2.13 6.69
O5' A1H3G A 30 -3.18 -1.12 4.51
O3' A1H3G A 30 0.38 1.49 5.42
C2 A1H3G A 30 -2.85 5.67 1.71
N7 A1H3G A 30 -4.63 2.06 1.22
N9 A1H3G A 30 -2.75 2.19 2.41
N6 A1H3G A 30 -5.87 4.71 0.03
C1' A1H3G A 30 -1.59 1.76 3.24
O4' A1H3G A 30 -1.29 0.40 2.98
C4' A1H3G A 30 -0.89 -0.23 4.19
C3' A1H3G A 30 -0.89 0.84 5.28
C2' A1H3G A 30 -1.90 1.85 4.73
C5' A1H3G A 30 -1.80 -1.43 4.51
OP2 A1H3G A 30 -5.61 -1.57 4.92
H1 A1H3G A 30 -4.29 6.59 0.50
H8 A1H3G A 30 -3.80 0.34 2.11
H2 A1H3G A 30 -2.32 6.61 1.86
H62 A1H3G A 30 -6.44 3.89 -0.14
H61 A1H3G A 30 -6.22 5.63 -0.25
H1' A1H3G A 30 -0.71 2.37 3.04
H4' A1H3G A 30 0.12 -0.61 4.08
H3' A1H3G A 30 -1.24 0.45 6.24
H2' A1H3G A 30 -2.91 1.53 4.94
H2'' A1H3G A 30 -1.73 2.86 5.12
H5'' A1H3G A 30 -1.51 -1.82 5.48
H5' A1H3G A 30 -1.61 -2.21 3.77
P BGM A 32 5.15 -3.07 0.43
OP2 BGM A 32 6.13 -2.01 0.11
O5' BGM A 32 4.04 -3.13 -0.74
C5' BGM A 32 3.04 -4.14 -0.77
C4' BGM A 32 2.24 -4.14 -2.09
O4' BGM A 32 1.38 -3.01 -2.23
C1' BGM A 32 1.30 -2.75 -3.63
N9 BGM A 32 0.74 -1.43 -3.98
C8 BGM A 32 -0.38 -1.14 -4.73
N7 BGM A 32 -0.69 0.11 -4.81
C5 BGM A 32 0.29 0.75 -4.05
C4 BGM A 32 1.19 -0.18 -3.55
N3 BGM A 32 2.29 0.10 -2.77
C2 BGM A 32 2.42 1.40 -2.51
N2 BGM A 32 3.43 1.76 -1.75
N1 BGM A 32 1.58 2.38 -2.93
C6 BGM A 32 0.47 2.13 -3.72
O6 BGM A 32 -0.25 3.07 -4.05
C2' BGM A 32 2.73 -2.98 -4.14
C3' BGM A 32 3.16 -4.21 -3.34
O3' BGM A 32 2.92 -5.44 -4.00
BR BGM A 32 -1.46 -2.41 -5.63
H5' BGM A 32 2.35 -4.02 0.06
H5'' BGM A 32 3.51 -5.12 -0.67
H4' BGM A 32 1.62 -5.03 -2.10
H1' BGM A 32 0.68 -3.52 -4.08
H21 BGM A 32 3.56 2.71 -1.45
H22 BGM A 32 4.07 1.04 -1.45
H1 BGM A 32 1.75 3.34 -2.70
H2' BGM A 32 2.72 -3.16 -5.21
H2'' BGM A 32 3.37 -2.13 -3.89
H3' BGM A 32 4.21 -4.12 -3.06
N1 A1H3G A 30 -3.80 5.65 0.93
N3 A1H3G A 30 -2.08 4.56 2.28
C6 A1H3G A 30 -4.48 4.48 0.70
C5 A1H3G A 30 -3.92 3.29 1.21
C4 A1H3G A 30 -2.77 3.41 1.97
C8 A1H3G A 30 -3.40 1.32 1.82
P A1H3G A 30 -3.83 -2.08 5.34
OP1 A1H3G A 30 -3.41 -2.12 6.77
O5' A1H3G A 30 -2.80 -1.14 4.54
O3' A1H3G A 30 0.73 1.54 5.34
C2 A1H3G A 30 -2.66 5.63 1.71
N7 A1H3G A 30 -4.30 1.95 1.13
N9 A1H3G A 30 -2.42 2.14 2.34
N6 A1H3G A 30 -5.64 4.58 0.02
C1' A1H3G A 30 -1.26 1.74 3.17
O4' A1H3G A 30 -0.95 0.38 2.94
C4' A1H3G A 30 -0.53 -0.22 4.16
C3' A1H3G A 30 -0.54 0.89 5.23
C2' A1H3G A 30 -1.56 1.86 4.66
C5' A1H3G A 30 -1.41 -1.43 4.51
OP2 A1H3G A 30 -5.22 -1.64 5.02
H1 A1H3G A 30 -4.14 6.53 0.54
H8 A1H3G A 30 -3.39 0.25 1.98
H2 A1H3G A 30 -2.15 6.57 1.88
H62 A1H3G A 30 -6.17 3.74 -0.19
H61 A1H3G A 30 -6.02 5.49 -0.24
H1' A1H3G A 30 -0.39 2.35 2.94
H4' A1H3G A 30 0.48 -0.59 4.06
H3' A1H3G A 30 -0.87 0.51 6.20
H2' A1H3G A 30 -2.56 1.53 4.89
H2'' A1H3G A 30 -1.39 2.88 5.02
H5'' A1H3G A 30 -1.09 -1.81 5.49
H5' A1H3G A 30 -1.23 -2.22 3.79
P BGM A 32 5.43 -3.00 0.30
OP2 BGM A 32 6.40 -1.94 -0.07
O5' BGM A 32 4.27 -3.06 -0.83
C5' BGM A 32 3.28 -4.08 -0.81
C4' BGM A 32 2.44 -4.12 -2.11
O4' BGM A 32 1.58 -2.99 -2.25
C1' BGM A 32 1.50 -2.73 -3.64
N9 BGM A 32 0.94 -1.39 -3.99
C8 BGM A 32 -0.20 -1.12 -4.72
N7 BGM A 32 -0.50 0.14 -4.81
C5 BGM A 32 0.50 0.77 -4.08
C4 BGM A 32 1.40 -0.15 -3.59
N3 BGM A 32 2.51 0.14 -2.83
C2 BGM A 32 2.66 1.44 -2.58
N2 BGM A 32 3.68 1.82 -1.85
N1 BGM A 32 1.80 2.42 -3.02
C6 BGM A 32 0.68 2.17 -3.78
O6 BGM A 32 -0.03 3.11 -4.11
C2' BGM A 32 2.91 -2.95 -4.16
C3' BGM A 32 3.33 -4.20 -3.37
O3' BGM A 32 3.03 -5.42 -4.06
BR BGM A 32 -1.32 -2.40 -5.56
H5' BGM A 32 2.61 -3.95 0.04
H5'' BGM A 32 3.76 -5.05 -0.71
H4' BGM A 32 1.82 -5.02 -2.07
H1' BGM A 32 0.87 -3.49 -4.09
H21 BGM A 32 3.82 2.78 -1.57
H22 BGM A 32 4.32 1.10 -1.55
H1 BGM A 32 1.98 3.38 -2.78
H2' BGM A 32 2.91 -3.11 -5.23
H2'' BGM A 32 3.56 -2.13 -3.90
H3' BGM A 32 4.38 -4.16 -3.12
N1 A1H3G A 30 -3.75 5.66 1.13
N3 A1H3G A 30 -2.04 4.50 2.43
C6 A1H3G A 30 -4.46 4.51 0.86
C5 A1H3G A 30 -3.90 3.30 1.34
C4 A1H3G A 30 -2.75 3.38 2.09
C8 A1H3G A 30 -3.41 1.30 1.89
P A1H3G A 30 -3.90 -2.12 5.42
OP1 A1H3G A 30 -3.47 -2.19 6.83
O5' A1H3G A 30 -2.85 -1.19 4.63
O3' A1H3G A 30 0.78 1.39 5.34
C2 A1H3G A 30 -2.60 5.59 1.90
N7 A1H3G A 30 -4.31 1.97 1.23
N9 A1H3G A 30 -2.43 2.08 2.44
N6 A1H3G A 30 -5.61 4.65 0.20
C1' A1H3G A 30 -1.26 1.64 3.22
O4' A1H3G A 30 -1.01 0.26 2.98
C4' A1H3G A 30 -0.56 -0.35 4.19
C3' A1H3G A 30 -0.51 0.76 5.27
C2' A1H3G A 30 -1.51 1.76 4.72
C5' A1H3G A 30 -1.47 -1.53 4.57
OP2 A1H3G A 30 -5.27 -1.64 5.11
H1 A1H3G A 30 -4.09 6.55 0.76
H8 A1H3G A 30 -3.43 0.23 2.02
H2 A1H3G A 30 -2.08 6.52 2.08
H62 A1H3G A 30 -5.96 5.57 -0.06
H61 A1H3G A 30 -6.17 3.82 -0.04
H1' A1H3G A 30 -0.37 2.22 2.98
H4' A1H3G A 30 0.43 -0.75 4.06
H3' A1H3G A 30 -0.82 0.38 6.24
H2' A1H3G A 30 -2.53 1.46 4.98
H2'' A1H3G A 30 -1.32 2.77 5.09
H5'' A1H3G A 30 -1.14 -1.91 5.54
H5' A1H3G A 30 -1.33 -2.33 3.84
P BGM A 32 5.24 -3.24 0.15
OP2 BGM A 32 6.25 -2.21 -0.21
O5' BGM A 32 4.10 -3.28 -0.99
C5' BGM A 32 3.08 -4.28 -0.98
C4' BGM A 32 2.24 -4.26 -2.27
O4' BGM A 32 1.39 -3.11 -2.35
C1' BGM A 32 1.29 -2.81 -3.73
N9 BGM A 32 0.73 -1.47 -4.05
C8 BGM A 32 -0.41 -1.17 -4.76
N7 BGM A 32 -0.69 0.11 -4.83
C5 BGM A 32 0.33 0.70 -4.09
C4 BGM A 32 1.22 -0.23 -3.64
N3 BGM A 32 2.33 0.03 -2.89
C2 BGM A 32 2.51 1.33 -2.62
N2 BGM A 32 3.55 1.68 -1.91
N1 BGM A 32 1.66 2.32 -3.02
C6 BGM A 32 0.52 2.09 -3.77
O6 BGM A 32 -0.19 3.04 -4.07
C2' BGM A 32 2.69 -3.04 -4.28
C3' BGM A 32 3.10 -4.31 -3.55
O3' BGM A 32 2.78 -5.51 -4.26
BR BGM A 32 -1.54 -2.41 -5.61
H5' BGM A 32 2.43 -4.15 -0.11
H5'' BGM A 32 3.54 -5.26 -0.90
H4' BGM A 32 1.61 -5.14 -2.25
H1' BGM A 32 0.64 -3.56 -4.19
H21 BGM A 32 3.71 2.65 -1.62
H22 BGM A 32 4.19 0.96 -1.63
H1 BGM A 32 1.85 3.28 -2.77
H2' BGM A 32 2.67 -3.16 -5.36
H2'' BGM A 32 3.36 -2.22 -4.00
H3' BGM A 32 4.16 -4.28 -3.29
#